data_7V24
#
_entry.id   7V24
#
_cell.length_a   1.00
_cell.length_b   1.00
_cell.length_c   1.00
_cell.angle_alpha   90.00
_cell.angle_beta   90.00
_cell.angle_gamma   90.00
#
_symmetry.space_group_name_H-M   'P 1'
#
loop_
_entity.id
_entity.type
_entity.pdbx_description
1 polymer 'the heavy chain of N12-9 Fab'
2 polymer 'the lignt chain of N12-9 Fab'
3 polymer 'Spike glycoprotein'
#
loop_
_entity_poly.entity_id
_entity_poly.type
_entity_poly.pdbx_seq_one_letter_code
_entity_poly.pdbx_strand_id
1 'polypeptide(L)'
;EVQLVESGGGLVKPGGSLRLSCAASEFTFSSYSMNWVRQAPGKGLEWVSSISSSGSQIYYADSVKGRFTISRDNAKKSLY
LQMNSLRVEDTAVYYCATNGGAHSSTWSFYGMDVWGQGTTVTVSS
;
H
2 'polypeptide(L)'
;SYELTQPPSVSVSPGQTATITCSGDKLGDKYACWYQQRPGQSPVLVIYQDSKRPSGIPERFSGSNSGNTATLTIGGTQAM
DEAAYFCQAWDSNTGVFGGGTKLTVL
;
L
3 'polypeptide(L)'
;MFVFLVLLPLVSSQCVNLTTRTQLPPAYTNSFTRGVYYPDKVFRSSVLHSTQDLFLPFFSNVTWFHAKRFDNPVLPFNDG
VYFASTEKSNIIRGWIFGTTLDSKTQSLLIVNNATNVVIKVCEFQFCNDPFLGVYYHKNNKSWMESEFRVYSSANNCTFE
YVSQPFLMDLEGKQGNFKNLREFVFKNIDGYFKIYSKHTPINLVRDLPQGFSALEPLVDLPIGINITRFQTLLALHRSYL
TPGDSSSGWTAGAAAYYVGYLQPRTFLLKYNENGTITDAVDCALDPLSETKCTLKSFTVEKGIYQTSNFRVQPTESIVRF
PNITNLCPFGEVFNATRFASVYAWNRKRISNCVADYSVLYNSASFSTFKCYGVSPTKLNDLCFTNVYADSFVIRGDEVRQ
IAPGQTGKIADYNYKLPDDFTGCVIAWNSNNLDSKVGGNYNYLYRLFRKSNLKPFERDISTEIYQAGSTPCNGVEGFNCY
FPLQSYGFQPTNGVGYQPYRVVVLSFELLHAPATVCGPKKSTNLVKNKCVNFNFNGLTGTGVLTESNKKFLPFQQFGRDI
ADTTDAVRDPQTLEILDITPCSFGGVSVITPGTNTSNQVAVLYQDVNCTEVPVAIHADQLTPTWRVYSTGSNVFQTRAGC
LIGAEHVNNSYECDIPIGAGICASYQTQTSQSIIAYTMSLGAENSVAYSNNSIAIPTNFTISVTTEILPVSMTKTSVDCT
MYICGDSTECSNLLLQYGSFCTQLNRALTGIAVEQDKNTQEVFAQVKQIYKTPPIKDFGGFNFSQILPDPSKPSKRSPIE
DLLFNKVTLADAGFIKQYGDCLGDIAARDLICAQKFNGLTVLPPLLTDEMIAQYTSALLAGTITSGWTFGAGPALQIPFP
MQMAYRFNGIGVTQNVLYENQKLIANQFNSAIGKIQDSLSSTPSALGKLQDVVNQNAQALNTLVKQLSSNFGAISSVLND
ILSRLDPPEAEVQIDRLITGRLQSLQTYVTQQLIRAAEIRASANLAATKMSECVLGQSKRVDFCGKGYHLMSFPQSAPHG
VVFLHVTYVPAQEKNFTTAPAICHDGKAHFPREGVFVSNGTHWFVTQRNFYEPQIITTDNTFVSGNCDVVIGIVNNTVYD
PLQPELDSFKEELDKYFKNHTSPDVDLGDISGINASVVNIQKEIDRLNEVAKNLNESLIDLQELGKYEQGSGYIPEAPRD
GQAYVRKDGEWVLLSTFLGRSLEVLFQGPGHHHHHHHHSAWSHPQFEKGGGSGGGGSGGSAWSHPQFEK
;
A
#
# COMPACT_ATOMS: atom_id res chain seq x y z
N VAL A 2 -17.82 2.06 1.08
CA VAL A 2 -18.33 1.19 2.13
C VAL A 2 -19.18 1.98 3.09
N GLN A 3 -19.96 1.27 3.90
CA GLN A 3 -20.75 1.87 4.96
C GLN A 3 -20.62 1.00 6.20
N LEU A 4 -20.48 1.64 7.35
CA LEU A 4 -20.29 0.92 8.60
C LEU A 4 -21.48 1.15 9.51
N VAL A 5 -21.91 0.09 10.19
CA VAL A 5 -22.99 0.17 11.16
C VAL A 5 -22.47 -0.38 12.47
N GLU A 6 -22.56 0.41 13.53
CA GLU A 6 -22.10 -0.05 14.83
C GLU A 6 -23.22 -0.80 15.54
N SER A 7 -22.82 -1.59 16.53
CA SER A 7 -23.76 -2.34 17.33
C SER A 7 -23.03 -2.88 18.55
N GLY A 8 -23.80 -3.22 19.58
CA GLY A 8 -23.25 -3.75 20.81
C GLY A 8 -23.07 -2.74 21.92
N GLY A 9 -23.32 -1.46 21.67
CA GLY A 9 -23.19 -0.45 22.69
C GLY A 9 -24.47 -0.29 23.47
N GLY A 10 -24.37 -0.44 24.79
CA GLY A 10 -25.54 -0.33 25.64
C GLY A 10 -25.16 0.05 27.05
N LEU A 11 -26.18 0.24 27.88
CA LEU A 11 -25.97 0.63 29.26
C LEU A 11 -25.29 -0.50 30.03
N VAL A 12 -24.36 -0.12 30.92
CA VAL A 12 -23.59 -1.09 31.68
C VAL A 12 -23.13 -0.41 32.96
N LYS A 13 -22.99 -1.20 34.03
CA LYS A 13 -22.42 -0.65 35.25
C LYS A 13 -20.90 -0.71 35.19
N PRO A 14 -20.22 0.19 35.90
CA PRO A 14 -18.75 0.23 35.83
C PRO A 14 -18.14 -1.11 36.22
N GLY A 15 -17.09 -1.49 35.49
CA GLY A 15 -16.49 -2.79 35.63
C GLY A 15 -17.07 -3.85 34.72
N GLY A 16 -18.10 -3.53 33.95
CA GLY A 16 -18.72 -4.48 33.06
C GLY A 16 -17.85 -4.78 31.85
N SER A 17 -18.47 -5.40 30.85
CA SER A 17 -17.76 -5.75 29.62
C SER A 17 -18.72 -5.68 28.44
N LEU A 18 -18.23 -5.13 27.34
CA LEU A 18 -18.99 -5.02 26.11
C LEU A 18 -18.16 -5.47 24.94
N ARG A 19 -18.83 -5.87 23.88
CA ARG A 19 -18.19 -6.30 22.63
C ARG A 19 -18.83 -5.50 21.51
N LEU A 20 -18.19 -4.41 21.12
CA LEU A 20 -18.70 -3.58 20.05
C LEU A 20 -18.45 -4.25 18.70
N SER A 21 -19.41 -4.12 17.80
CA SER A 21 -19.31 -4.74 16.49
C SER A 21 -19.64 -3.70 15.43
N CYS A 22 -18.85 -3.70 14.36
CA CYS A 22 -18.99 -2.71 13.29
C CYS A 22 -18.91 -3.46 11.97
N ALA A 23 -20.07 -3.89 11.47
CA ALA A 23 -20.14 -4.70 10.25
C ALA A 23 -20.23 -3.79 9.04
N ALA A 24 -19.25 -3.92 8.15
CA ALA A 24 -19.16 -3.07 6.97
C ALA A 24 -20.22 -3.45 5.93
N SER A 25 -20.55 -2.48 5.07
CA SER A 25 -21.52 -2.73 4.01
C SER A 25 -20.95 -3.66 2.95
N GLU A 26 -19.74 -3.39 2.48
CA GLU A 26 -19.12 -4.14 1.39
C GLU A 26 -17.94 -4.95 1.92
N PHE A 27 -17.45 -5.86 1.08
CA PHE A 27 -16.31 -6.70 1.43
C PHE A 27 -14.97 -6.02 1.17
N THR A 28 -14.97 -4.80 0.61
CA THR A 28 -13.73 -4.05 0.53
C THR A 28 -13.28 -3.56 1.89
N PHE A 29 -13.98 -3.94 2.96
CA PHE A 29 -13.54 -3.67 4.32
C PHE A 29 -12.19 -4.29 4.62
N SER A 30 -11.78 -5.30 3.86
CA SER A 30 -10.49 -5.93 4.10
C SER A 30 -9.33 -5.00 3.85
N SER A 31 -9.54 -3.91 3.10
CA SER A 31 -8.45 -3.04 2.68
C SER A 31 -8.30 -1.80 3.54
N TYR A 32 -9.12 -1.63 4.57
CA TYR A 32 -9.06 -0.47 5.45
C TYR A 32 -8.53 -0.88 6.82
N SER A 33 -7.48 -0.21 7.26
CA SER A 33 -7.16 -0.23 8.68
C SER A 33 -8.32 0.39 9.44
N MET A 34 -8.75 -0.28 10.49
CA MET A 34 -9.94 0.14 11.21
C MET A 34 -9.56 0.85 12.49
N ASN A 35 -10.32 1.88 12.82
CA ASN A 35 -9.99 2.75 13.93
C ASN A 35 -11.22 2.89 14.80
N TRP A 36 -11.02 2.86 16.11
CA TRP A 36 -12.08 3.16 17.06
C TRP A 36 -11.83 4.52 17.68
N VAL A 37 -12.81 5.40 17.57
CA VAL A 37 -12.69 6.77 18.05
C VAL A 37 -13.97 7.08 18.82
N ARG A 38 -13.84 7.70 19.98
CA ARG A 38 -14.99 7.96 20.83
C ARG A 38 -15.19 9.45 21.06
N GLN A 39 -16.46 9.83 21.13
CA GLN A 39 -16.88 11.20 21.37
C GLN A 39 -17.60 11.23 22.71
N ALA A 40 -16.97 11.83 23.71
CA ALA A 40 -17.59 11.94 25.02
C ALA A 40 -18.89 12.75 24.89
N PRO A 41 -19.86 12.53 25.79
CA PRO A 41 -21.20 13.11 25.59
C PRO A 41 -21.20 14.61 25.41
N GLY A 42 -20.29 15.35 26.05
CA GLY A 42 -20.25 16.78 25.88
C GLY A 42 -18.86 17.31 25.57
N LYS A 43 -17.92 16.42 25.29
CA LYS A 43 -16.53 16.80 25.06
C LYS A 43 -16.16 16.52 23.60
N GLY A 44 -14.89 16.74 23.28
CA GLY A 44 -14.41 16.65 21.92
C GLY A 44 -14.19 15.22 21.48
N LEU A 45 -13.64 15.09 20.27
CA LEU A 45 -13.44 13.78 19.67
C LEU A 45 -12.10 13.23 20.11
N GLU A 46 -12.04 11.93 20.40
CA GLU A 46 -10.85 11.33 21.01
C GLU A 46 -10.60 9.93 20.45
N TRP A 47 -9.37 9.70 20.01
CA TRP A 47 -8.98 8.40 19.47
C TRP A 47 -8.89 7.37 20.58
N VAL A 48 -9.19 6.10 20.25
CA VAL A 48 -9.29 5.03 21.24
C VAL A 48 -8.39 3.85 20.87
N SER A 49 -8.54 3.33 19.66
CA SER A 49 -7.78 2.15 19.27
C SER A 49 -7.65 2.12 17.76
N SER A 50 -6.75 1.26 17.28
CA SER A 50 -6.51 1.12 15.85
C SER A 50 -5.98 -0.27 15.58
N ILE A 51 -6.27 -0.78 14.39
CA ILE A 51 -5.83 -2.09 13.97
C ILE A 51 -5.46 -2.02 12.49
N SER A 52 -4.43 -2.77 12.12
CA SER A 52 -4.00 -2.80 10.73
C SER A 52 -5.03 -3.54 9.90
N SER A 53 -4.85 -3.48 8.58
CA SER A 53 -5.83 -4.09 7.68
C SER A 53 -5.89 -5.59 7.86
N SER A 54 -4.74 -6.24 8.02
CA SER A 54 -4.72 -7.68 8.26
C SER A 54 -4.81 -8.02 9.74
N GLY A 55 -4.87 -7.02 10.61
CA GLY A 55 -4.95 -7.25 12.04
C GLY A 55 -3.64 -7.52 12.73
N SER A 56 -2.51 -7.31 12.05
CA SER A 56 -1.21 -7.62 12.62
C SER A 56 -0.55 -6.46 13.35
N GLN A 57 -1.16 -5.27 13.34
CA GLN A 57 -0.61 -4.11 14.01
C GLN A 57 -1.72 -3.47 14.83
N ILE A 58 -1.62 -3.58 16.14
CA ILE A 58 -2.67 -3.12 17.06
C ILE A 58 -2.08 -2.08 17.99
N TYR A 59 -2.70 -0.91 18.04
CA TYR A 59 -2.24 0.18 18.91
C TYR A 59 -3.43 0.76 19.64
N TYR A 60 -3.23 1.09 20.91
CA TYR A 60 -4.27 1.68 21.75
C TYR A 60 -3.79 3.02 22.31
N ALA A 61 -4.75 3.85 22.69
CA ALA A 61 -4.44 5.03 23.46
C ALA A 61 -3.98 4.64 24.85
N ASP A 62 -3.29 5.55 25.53
CA ASP A 62 -2.79 5.24 26.86
C ASP A 62 -3.92 5.07 27.86
N SER A 63 -5.01 5.82 27.69
CA SER A 63 -6.12 5.77 28.64
C SER A 63 -6.91 4.46 28.58
N VAL A 64 -6.66 3.60 27.59
CA VAL A 64 -7.35 2.33 27.47
C VAL A 64 -6.41 1.15 27.33
N LYS A 65 -5.10 1.38 27.32
CA LYS A 65 -4.16 0.29 27.11
C LYS A 65 -4.26 -0.73 28.24
N GLY A 66 -4.29 -2.01 27.87
CA GLY A 66 -4.41 -3.09 28.83
C GLY A 66 -5.83 -3.43 29.23
N ARG A 67 -6.80 -2.58 28.89
CA ARG A 67 -8.20 -2.84 29.21
C ARG A 67 -9.02 -3.19 27.99
N PHE A 68 -8.78 -2.52 26.87
CA PHE A 68 -9.47 -2.83 25.62
C PHE A 68 -8.59 -3.75 24.78
N THR A 69 -9.25 -4.60 24.00
CA THR A 69 -8.54 -5.40 23.00
C THR A 69 -9.39 -5.39 21.73
N ILE A 70 -8.77 -5.04 20.63
CA ILE A 70 -9.45 -4.90 19.35
C ILE A 70 -9.19 -6.15 18.52
N SER A 71 -10.08 -6.40 17.57
CA SER A 71 -9.89 -7.47 16.61
C SER A 71 -10.77 -7.17 15.41
N ARG A 72 -10.50 -7.87 14.31
CA ARG A 72 -11.33 -7.72 13.13
C ARG A 72 -11.44 -9.08 12.44
N ASP A 73 -12.55 -9.25 11.71
CA ASP A 73 -12.81 -10.50 11.01
C ASP A 73 -13.27 -10.14 9.60
N ASN A 74 -12.32 -10.08 8.67
CA ASN A 74 -12.64 -9.73 7.30
C ASN A 74 -13.56 -10.74 6.64
N ALA A 75 -13.58 -11.99 7.12
CA ALA A 75 -14.53 -12.96 6.60
C ALA A 75 -15.96 -12.56 6.88
N LYS A 76 -16.22 -12.02 8.08
CA LYS A 76 -17.53 -11.47 8.42
C LYS A 76 -17.59 -9.97 8.21
N LYS A 77 -16.58 -9.40 7.54
CA LYS A 77 -16.44 -7.96 7.31
C LYS A 77 -16.86 -7.16 8.54
N SER A 78 -16.24 -7.48 9.67
CA SER A 78 -16.63 -6.93 10.94
C SER A 78 -15.42 -6.47 11.73
N LEU A 79 -15.65 -5.52 12.63
CA LEU A 79 -14.65 -5.00 13.55
C LEU A 79 -15.19 -5.16 14.97
N TYR A 80 -14.30 -5.48 15.91
CA TYR A 80 -14.73 -5.76 17.27
C TYR A 80 -13.86 -5.01 18.27
N LEU A 81 -14.47 -4.63 19.38
CA LEU A 81 -13.77 -3.98 20.49
C LEU A 81 -14.27 -4.58 21.79
N GLN A 82 -13.41 -5.28 22.51
CA GLN A 82 -13.73 -5.77 23.85
C GLN A 82 -13.40 -4.68 24.86
N MET A 83 -14.35 -4.42 25.76
CA MET A 83 -14.15 -3.44 26.82
C MET A 83 -14.06 -4.20 28.14
N ASN A 84 -12.85 -4.47 28.59
CA ASN A 84 -12.65 -5.17 29.85
C ASN A 84 -12.31 -4.18 30.95
N SER A 85 -12.95 -4.39 32.11
CA SER A 85 -12.78 -3.51 33.27
C SER A 85 -13.11 -2.06 32.92
N LEU A 86 -14.38 -1.83 32.57
CA LEU A 86 -14.83 -0.49 32.22
C LEU A 86 -14.82 0.42 33.43
N ARG A 87 -14.57 1.70 33.19
CA ARG A 87 -14.69 2.75 34.19
C ARG A 87 -15.68 3.80 33.73
N VAL A 88 -16.04 4.70 34.65
CA VAL A 88 -17.05 5.71 34.34
C VAL A 88 -16.54 6.67 33.28
N GLU A 89 -15.26 7.02 33.30
CA GLU A 89 -14.75 7.97 32.33
C GLU A 89 -14.63 7.38 30.92
N ASP A 90 -15.14 6.18 30.69
CA ASP A 90 -15.16 5.60 29.36
C ASP A 90 -16.50 5.73 28.66
N THR A 91 -17.48 6.38 29.28
CA THR A 91 -18.75 6.61 28.62
C THR A 91 -18.55 7.54 27.42
N ALA A 92 -19.14 7.18 26.29
CA ALA A 92 -18.92 7.91 25.05
C ALA A 92 -19.88 7.40 23.99
N VAL A 93 -19.70 7.88 22.77
CA VAL A 93 -20.27 7.25 21.59
C VAL A 93 -19.12 6.81 20.69
N TYR A 94 -19.05 5.52 20.41
CA TYR A 94 -17.86 4.91 19.86
C TYR A 94 -18.02 4.74 18.36
N TYR A 95 -17.21 5.45 17.59
CA TYR A 95 -17.23 5.37 16.14
C TYR A 95 -16.23 4.33 15.68
N CYS A 96 -16.55 3.67 14.57
CA CYS A 96 -15.59 2.86 13.84
C CYS A 96 -15.32 3.56 12.52
N ALA A 97 -14.06 3.87 12.27
CA ALA A 97 -13.69 4.67 11.12
C ALA A 97 -12.59 3.98 10.32
N THR A 98 -12.80 3.88 9.02
CA THR A 98 -11.81 3.33 8.11
C THR A 98 -10.65 4.30 8.05
N ASN A 99 -9.44 3.76 7.84
CA ASN A 99 -8.33 4.67 7.60
C ASN A 99 -7.95 4.69 6.13
N GLY A 100 -7.66 3.53 5.56
CA GLY A 100 -7.30 3.47 4.16
C GLY A 100 -5.91 2.90 3.96
N GLY A 101 -4.99 3.27 4.84
CA GLY A 101 -3.67 2.66 4.81
C GLY A 101 -3.69 1.28 5.44
N ALA A 102 -3.00 0.34 4.80
CA ALA A 102 -3.08 -1.04 5.24
C ALA A 102 -2.20 -1.36 6.43
N HIS A 103 -1.25 -0.49 6.78
CA HIS A 103 -0.31 -0.75 7.86
C HIS A 103 -0.04 0.52 8.64
N SER A 104 0.52 0.34 9.83
CA SER A 104 0.71 1.45 10.75
C SER A 104 1.69 2.48 10.22
N SER A 105 2.59 2.07 9.33
CA SER A 105 3.51 3.03 8.72
C SER A 105 2.81 3.98 7.76
N THR A 106 1.57 3.68 7.37
CA THR A 106 0.85 4.45 6.38
C THR A 106 -0.35 5.20 6.97
N TRP A 107 -0.69 4.94 8.22
CA TRP A 107 -1.88 5.54 8.83
C TRP A 107 -1.87 7.05 8.71
N SER A 108 -0.69 7.67 8.81
CA SER A 108 -0.62 9.12 8.76
C SER A 108 -0.87 9.70 7.36
N PHE A 109 -0.78 8.88 6.32
CA PHE A 109 -0.93 9.37 4.96
C PHE A 109 -2.37 9.49 4.50
N TYR A 110 -3.31 8.92 5.25
CA TYR A 110 -4.73 9.04 4.94
C TYR A 110 -5.44 9.66 6.13
N GLY A 111 -6.77 9.71 6.02
CA GLY A 111 -7.61 10.16 7.10
C GLY A 111 -8.74 9.17 7.33
N MET A 112 -9.42 9.34 8.47
CA MET A 112 -10.57 8.52 8.77
C MET A 112 -11.73 8.95 7.89
N ASP A 113 -11.73 8.50 6.65
CA ASP A 113 -12.65 8.98 5.63
C ASP A 113 -14.07 8.48 5.78
N VAL A 114 -14.28 7.22 6.15
CA VAL A 114 -15.60 6.64 6.30
C VAL A 114 -15.85 6.40 7.78
N TRP A 115 -16.95 6.95 8.29
CA TRP A 115 -17.31 6.83 9.69
C TRP A 115 -18.68 6.16 9.80
N GLY A 116 -18.75 5.09 10.58
CA GLY A 116 -20.05 4.54 10.91
C GLY A 116 -20.77 5.42 11.91
N GLN A 117 -22.09 5.40 11.84
CA GLN A 117 -22.88 6.12 12.83
C GLN A 117 -22.64 5.50 14.21
N GLY A 118 -21.99 6.25 15.08
CA GLY A 118 -21.50 5.70 16.32
C GLY A 118 -22.60 5.24 17.24
N THR A 119 -22.25 4.28 18.09
CA THR A 119 -23.15 3.70 19.07
C THR A 119 -22.75 4.16 20.46
N THR A 120 -23.73 4.59 21.24
CA THR A 120 -23.48 5.20 22.54
C THR A 120 -23.19 4.12 23.57
N VAL A 121 -22.20 4.38 24.42
CA VAL A 121 -21.84 3.48 25.51
C VAL A 121 -21.92 4.28 26.80
N THR A 122 -22.87 3.92 27.67
CA THR A 122 -23.04 4.58 28.94
C THR A 122 -22.60 3.65 30.06
N VAL A 123 -21.56 4.04 30.79
CA VAL A 123 -20.98 3.22 31.84
C VAL A 123 -21.28 3.94 33.15
N SER A 124 -22.36 3.53 33.82
CA SER A 124 -22.78 4.15 35.06
C SER A 124 -23.69 3.20 35.83
N SER A 125 -24.04 3.60 37.05
CA SER A 125 -24.94 2.82 37.88
C SER A 125 -26.40 3.00 37.45
N TYR B 2 1.59 13.33 23.41
CA TYR B 2 1.50 14.40 22.43
C TYR B 2 0.17 15.14 22.56
N GLU B 3 0.20 16.45 22.42
CA GLU B 3 -0.98 17.27 22.59
C GLU B 3 -1.11 18.27 21.46
N LEU B 4 -2.36 18.54 21.07
CA LEU B 4 -2.67 19.56 20.08
C LEU B 4 -3.62 20.56 20.69
N THR B 5 -3.43 21.83 20.37
CA THR B 5 -4.21 22.92 20.95
C THR B 5 -5.02 23.57 19.84
N GLN B 6 -6.28 23.88 20.14
CA GLN B 6 -7.13 24.65 19.27
C GLN B 6 -7.90 25.68 20.07
N PRO B 7 -8.25 26.80 19.46
CA PRO B 7 -9.11 27.77 20.14
C PRO B 7 -10.47 27.15 20.45
N PRO B 8 -11.08 27.52 21.57
CA PRO B 8 -12.41 26.96 21.90
C PRO B 8 -13.46 27.18 20.82
N SER B 9 -13.47 28.35 20.18
CA SER B 9 -14.46 28.64 19.16
C SER B 9 -13.95 29.76 18.27
N VAL B 10 -14.48 29.81 17.05
CA VAL B 10 -14.26 30.93 16.13
C VAL B 10 -15.60 31.30 15.52
N SER B 11 -15.75 32.57 15.16
CA SER B 11 -16.99 33.09 14.60
C SER B 11 -16.69 34.03 13.45
N VAL B 12 -17.34 33.80 12.31
CA VAL B 12 -17.17 34.64 11.13
C VAL B 12 -18.55 34.88 10.51
N SER B 13 -18.66 35.98 9.76
CA SER B 13 -19.91 36.25 9.06
C SER B 13 -20.00 35.39 7.81
N PRO B 14 -21.23 35.04 7.39
CA PRO B 14 -21.38 34.24 6.17
C PRO B 14 -20.78 34.93 4.96
N GLY B 15 -20.09 34.15 4.13
CA GLY B 15 -19.42 34.66 2.97
C GLY B 15 -18.03 35.19 3.19
N GLN B 16 -17.58 35.27 4.44
CA GLN B 16 -16.23 35.71 4.75
C GLN B 16 -15.27 34.52 4.71
N THR B 17 -14.07 34.71 5.23
CA THR B 17 -13.08 33.64 5.33
C THR B 17 -12.81 33.34 6.79
N ALA B 18 -13.04 32.08 7.18
CA ALA B 18 -12.76 31.62 8.53
C ALA B 18 -11.37 31.00 8.58
N THR B 19 -10.85 30.86 9.79
CA THR B 19 -9.51 30.30 9.98
C THR B 19 -9.46 29.59 11.31
N ILE B 20 -9.41 28.27 11.28
CA ILE B 20 -9.28 27.44 12.47
C ILE B 20 -7.84 26.93 12.52
N THR B 21 -7.19 27.11 13.66
CA THR B 21 -5.78 26.83 13.81
C THR B 21 -5.55 25.64 14.73
N CYS B 22 -4.40 24.98 14.54
CA CYS B 22 -4.02 23.77 15.25
C CYS B 22 -2.53 23.81 15.54
N SER B 23 -2.17 24.11 16.78
CA SER B 23 -0.78 24.23 17.18
C SER B 23 -0.35 22.99 17.94
N GLY B 24 0.82 22.46 17.61
CA GLY B 24 1.32 21.26 18.24
C GLY B 24 2.83 21.30 18.34
N ASP B 25 3.38 20.32 19.05
CA ASP B 25 4.81 20.24 19.26
C ASP B 25 5.49 19.78 17.97
N LYS B 26 6.03 20.73 17.21
CA LYS B 26 6.68 20.45 15.93
C LYS B 26 5.75 19.67 15.00
N LEU B 27 4.49 20.12 14.94
CA LEU B 27 3.49 19.46 14.12
C LEU B 27 3.81 19.54 12.63
N GLY B 28 4.55 20.56 12.20
CA GLY B 28 4.82 20.74 10.78
C GLY B 28 5.60 19.63 10.12
N ASP B 29 6.22 18.75 10.91
CA ASP B 29 6.89 17.57 10.39
C ASP B 29 5.94 16.40 10.21
N LYS B 30 4.67 16.56 10.58
CA LYS B 30 3.68 15.50 10.49
C LYS B 30 2.59 15.88 9.51
N TYR B 31 1.74 14.91 9.20
CA TYR B 31 0.58 15.13 8.37
C TYR B 31 -0.64 15.35 9.25
N ALA B 32 -1.29 16.51 9.08
CA ALA B 32 -2.42 16.90 9.90
C ALA B 32 -3.69 16.81 9.07
N CYS B 33 -4.52 15.83 9.37
CA CYS B 33 -5.83 15.71 8.75
C CYS B 33 -6.86 16.47 9.58
N TRP B 34 -7.93 16.90 8.91
CA TRP B 34 -8.95 17.72 9.53
C TRP B 34 -10.31 17.08 9.31
N TYR B 35 -11.20 17.22 10.30
CA TYR B 35 -12.52 16.61 10.23
C TYR B 35 -13.58 17.64 10.54
N GLN B 36 -14.79 17.39 10.04
CA GLN B 36 -15.94 18.26 10.26
C GLN B 36 -17.07 17.43 10.86
N GLN B 37 -17.65 17.91 11.94
CA GLN B 37 -18.70 17.19 12.65
C GLN B 37 -19.90 18.11 12.86
N ARG B 38 -20.95 17.91 12.06
CA ARG B 38 -22.18 18.62 12.31
C ARG B 38 -22.77 18.19 13.65
N PRO B 39 -23.52 19.06 14.30
CA PRO B 39 -24.02 18.74 15.65
C PRO B 39 -24.84 17.46 15.66
N GLY B 40 -24.33 16.46 16.37
CA GLY B 40 -25.03 15.19 16.46
C GLY B 40 -24.91 14.31 15.24
N GLN B 41 -23.81 14.38 14.51
CA GLN B 41 -23.59 13.56 13.33
C GLN B 41 -22.16 13.07 13.31
N SER B 42 -21.90 12.11 12.43
CA SER B 42 -20.58 11.51 12.32
C SER B 42 -19.61 12.46 11.62
N PRO B 43 -18.34 12.46 12.02
CA PRO B 43 -17.37 13.36 11.42
C PRO B 43 -17.12 13.04 9.95
N VAL B 44 -16.77 14.08 9.21
CA VAL B 44 -16.52 14.01 7.78
C VAL B 44 -15.12 14.54 7.53
N LEU B 45 -14.26 13.71 6.94
CA LEU B 45 -12.92 14.18 6.62
C LEU B 45 -12.98 15.24 5.53
N VAL B 46 -12.49 16.44 5.85
CA VAL B 46 -12.52 17.53 4.88
C VAL B 46 -11.15 17.87 4.34
N ILE B 47 -10.07 17.67 5.09
CA ILE B 47 -8.71 17.88 4.60
C ILE B 47 -7.83 16.78 5.17
N TYR B 48 -6.97 16.21 4.33
CA TYR B 48 -5.98 15.25 4.79
C TYR B 48 -4.67 15.55 4.10
N GLN B 49 -3.58 15.15 4.76
CA GLN B 49 -2.21 15.40 4.28
C GLN B 49 -1.90 16.89 4.20
N ASP B 50 -2.61 17.69 5.00
CA ASP B 50 -2.41 19.11 5.22
C ASP B 50 -2.85 19.98 4.05
N SER B 51 -3.12 19.37 2.90
CA SER B 51 -3.54 20.15 1.74
C SER B 51 -4.63 19.53 0.91
N LYS B 52 -4.81 18.21 0.95
CA LYS B 52 -5.61 17.50 -0.04
C LYS B 52 -7.00 17.26 0.49
N ARG B 53 -7.97 17.47 -0.34
CA ARG B 53 -9.33 17.22 0.10
C ARG B 53 -9.82 15.88 -0.43
N PRO B 54 -10.68 15.20 0.33
CA PRO B 54 -11.37 14.05 -0.22
C PRO B 54 -12.38 14.48 -1.29
N SER B 55 -12.72 13.52 -2.15
CA SER B 55 -13.69 13.80 -3.20
C SER B 55 -15.04 14.17 -2.59
N GLY B 56 -15.66 15.21 -3.13
CA GLY B 56 -16.93 15.69 -2.63
C GLY B 56 -16.84 16.86 -1.69
N ILE B 57 -15.67 17.15 -1.15
CA ILE B 57 -15.44 18.29 -0.27
C ILE B 57 -15.17 19.52 -1.15
N PRO B 58 -15.89 20.62 -0.97
CA PRO B 58 -15.74 21.77 -1.88
C PRO B 58 -14.33 22.32 -1.87
N GLU B 59 -13.93 22.89 -3.01
CA GLU B 59 -12.58 23.40 -3.18
C GLU B 59 -12.30 24.61 -2.30
N ARG B 60 -13.31 25.18 -1.68
CA ARG B 60 -13.12 26.31 -0.77
C ARG B 60 -12.53 25.88 0.57
N PHE B 61 -12.40 24.57 0.81
CA PHE B 61 -11.77 24.05 2.03
C PHE B 61 -10.28 23.93 1.76
N SER B 62 -9.52 24.88 2.28
CA SER B 62 -8.08 24.92 2.09
C SER B 62 -7.37 24.91 3.43
N GLY B 63 -6.34 24.07 3.56
CA GLY B 63 -5.58 23.99 4.78
C GLY B 63 -4.10 23.95 4.47
N SER B 64 -3.30 24.16 5.52
CA SER B 64 -1.86 24.15 5.38
C SER B 64 -1.22 23.75 6.71
N ASN B 65 0.04 23.36 6.64
CA ASN B 65 0.81 22.95 7.81
C ASN B 65 2.23 23.50 7.68
N SER B 66 2.73 24.11 8.75
CA SER B 66 4.08 24.67 8.73
C SER B 66 4.57 24.84 10.16
N GLY B 67 5.80 24.41 10.42
CA GLY B 67 6.42 24.65 11.70
C GLY B 67 5.79 23.90 12.85
N ASN B 68 5.05 24.62 13.71
CA ASN B 68 4.34 24.03 14.82
C ASN B 68 2.83 24.12 14.67
N THR B 69 2.34 24.82 13.65
CA THR B 69 0.94 25.15 13.54
C THR B 69 0.41 24.77 12.17
N ALA B 70 -0.70 24.03 12.14
CA ALA B 70 -1.43 23.73 10.92
C ALA B 70 -2.79 24.40 10.99
N THR B 71 -3.15 25.14 9.95
CA THR B 71 -4.36 25.95 9.96
C THR B 71 -5.31 25.49 8.86
N LEU B 72 -6.60 25.57 9.16
CA LEU B 72 -7.65 25.31 8.18
C LEU B 72 -8.40 26.60 7.93
N THR B 73 -8.57 26.94 6.67
CA THR B 73 -9.23 28.18 6.27
C THR B 73 -10.42 27.85 5.38
N ILE B 74 -11.58 28.41 5.71
CA ILE B 74 -12.81 28.17 4.97
C ILE B 74 -13.03 29.41 4.12
N GLY B 75 -12.88 29.27 2.80
CA GLY B 75 -13.26 30.34 1.90
C GLY B 75 -14.75 30.33 1.65
N GLY B 76 -15.34 31.52 1.64
CA GLY B 76 -16.77 31.64 1.40
C GLY B 76 -17.61 30.90 2.41
N THR B 77 -17.30 31.09 3.69
CA THR B 77 -18.03 30.42 4.77
C THR B 77 -19.53 30.68 4.65
N GLN B 78 -20.31 29.62 4.67
CA GLN B 78 -21.76 29.73 4.57
C GLN B 78 -22.44 28.87 5.61
N ALA B 79 -23.76 28.74 5.46
CA ALA B 79 -24.61 28.19 6.51
C ALA B 79 -24.30 26.74 6.83
N MET B 80 -23.85 25.93 5.86
CA MET B 80 -23.65 24.52 6.15
C MET B 80 -22.30 24.23 6.76
N ASP B 81 -21.48 25.24 7.00
CA ASP B 81 -20.16 25.05 7.57
C ASP B 81 -20.14 25.26 9.07
N GLU B 82 -21.29 25.45 9.70
CA GLU B 82 -21.38 25.58 11.14
C GLU B 82 -21.24 24.21 11.80
N ALA B 83 -20.04 23.87 12.25
CA ALA B 83 -19.78 22.54 12.80
C ALA B 83 -18.45 22.56 13.54
N ALA B 84 -18.13 21.45 14.19
CA ALA B 84 -16.87 21.33 14.91
C ALA B 84 -15.79 20.79 13.99
N TYR B 85 -14.58 21.31 14.16
CA TYR B 85 -13.46 20.95 13.29
C TYR B 85 -12.31 20.44 14.13
N PHE B 86 -11.85 19.22 13.82
CA PHE B 86 -10.89 18.51 14.65
C PHE B 86 -9.60 18.30 13.87
N CYS B 87 -8.54 18.96 14.29
CA CYS B 87 -7.20 18.66 13.80
C CYS B 87 -6.81 17.26 14.26
N GLN B 88 -5.97 16.59 13.48
CA GLN B 88 -5.59 15.23 13.81
C GLN B 88 -4.19 14.94 13.29
N ALA B 89 -3.44 14.17 14.06
CA ALA B 89 -2.08 13.80 13.67
C ALA B 89 -1.75 12.47 14.31
N TRP B 90 -0.80 11.76 13.72
CA TRP B 90 -0.40 10.45 14.20
C TRP B 90 1.02 10.51 14.74
N ASP B 91 1.15 10.30 16.05
CA ASP B 91 2.45 10.31 16.71
C ASP B 91 2.66 8.93 17.29
N SER B 92 3.80 8.32 16.97
CA SER B 92 4.16 6.99 17.48
C SER B 92 3.04 5.99 17.21
N ASN B 93 2.46 6.09 16.02
CA ASN B 93 1.38 5.22 15.56
C ASN B 93 0.13 5.33 16.43
N THR B 94 0.03 6.38 17.23
CA THR B 94 -1.14 6.65 18.05
C THR B 94 -1.69 8.02 17.66
N GLY B 95 -2.90 8.05 17.13
CA GLY B 95 -3.46 9.30 16.65
C GLY B 95 -3.90 10.19 17.79
N VAL B 96 -3.84 11.49 17.55
CA VAL B 96 -4.23 12.49 18.53
C VAL B 96 -5.16 13.49 17.85
N PHE B 97 -6.25 13.82 18.52
CA PHE B 97 -7.27 14.73 18.00
C PHE B 97 -7.19 16.06 18.74
N GLY B 98 -7.32 17.14 17.98
CA GLY B 98 -7.35 18.46 18.57
C GLY B 98 -8.60 18.65 19.41
N GLY B 99 -8.61 19.78 20.13
CA GLY B 99 -9.73 20.04 21.02
C GLY B 99 -11.06 20.13 20.30
N GLY B 100 -11.07 20.74 19.12
CA GLY B 100 -12.31 20.93 18.41
C GLY B 100 -12.84 22.33 18.51
N THR B 101 -12.66 23.12 17.45
CA THR B 101 -13.06 24.52 17.45
C THR B 101 -14.38 24.68 16.71
N LYS B 102 -15.43 24.95 17.46
CA LYS B 102 -16.73 25.23 16.86
C LYS B 102 -16.64 26.44 15.96
N LEU B 103 -17.34 26.39 14.83
CA LEU B 103 -17.42 27.52 13.92
C LEU B 103 -18.89 27.91 13.82
N THR B 104 -19.18 29.19 14.04
CA THR B 104 -20.54 29.72 14.01
C THR B 104 -20.68 30.61 12.79
N VAL B 105 -21.70 30.34 11.98
CA VAL B 105 -21.94 31.08 10.75
C VAL B 105 -23.17 31.96 10.97
N LEU B 106 -22.95 33.26 11.15
CA LEU B 106 -24.02 34.18 11.49
C LEU B 106 -25.10 34.23 10.42
N GLN C 14 -5.56 -5.79 3.69
CA GLN C 14 -5.13 -5.27 2.41
C GLN C 14 -6.07 -5.76 1.31
N CYS C 15 -5.50 -6.17 0.18
CA CYS C 15 -6.25 -6.77 -0.91
C CYS C 15 -7.35 -5.83 -1.42
N VAL C 16 -6.89 -4.74 -2.03
CA VAL C 16 -7.79 -3.90 -2.81
C VAL C 16 -7.62 -4.27 -4.28
N ASN C 17 -8.74 -4.42 -4.98
CA ASN C 17 -8.74 -4.80 -6.38
C ASN C 17 -9.15 -3.60 -7.24
N LEU C 18 -8.38 -3.37 -8.31
CA LEU C 18 -8.50 -2.18 -9.12
C LEU C 18 -9.13 -2.40 -10.48
N THR C 19 -8.64 -3.37 -11.26
CA THR C 19 -8.90 -3.45 -12.68
C THR C 19 -10.34 -3.89 -12.95
N THR C 20 -11.25 -2.90 -13.05
CA THR C 20 -12.66 -3.18 -13.26
C THR C 20 -12.91 -3.84 -14.62
N ARG C 21 -12.64 -3.11 -15.71
CA ARG C 21 -13.03 -3.58 -17.03
C ARG C 21 -12.00 -3.37 -18.12
N THR C 22 -10.88 -2.68 -17.87
CA THR C 22 -9.91 -2.41 -18.92
C THR C 22 -9.38 -3.70 -19.53
N GLN C 23 -9.69 -3.92 -20.81
CA GLN C 23 -9.38 -5.18 -21.49
C GLN C 23 -8.83 -4.90 -22.88
N LEU C 24 -7.91 -3.95 -22.98
CA LEU C 24 -7.28 -3.64 -24.26
C LEU C 24 -6.43 -4.83 -24.72
N PRO C 25 -6.48 -5.18 -26.01
CA PRO C 25 -5.83 -6.40 -26.47
C PRO C 25 -4.31 -6.33 -26.35
N PRO C 26 -3.65 -7.46 -26.17
CA PRO C 26 -2.21 -7.45 -25.91
C PRO C 26 -1.41 -6.88 -27.08
N ALA C 27 -0.29 -6.24 -26.73
CA ALA C 27 0.66 -5.71 -27.70
C ALA C 27 2.01 -6.36 -27.50
N TYR C 28 2.65 -6.72 -28.62
CA TYR C 28 3.91 -7.45 -28.60
C TYR C 28 5.01 -6.58 -29.19
N THR C 29 6.12 -6.46 -28.45
CA THR C 29 7.34 -5.89 -29.01
C THR C 29 8.25 -7.03 -29.45
N ASN C 30 9.50 -6.70 -29.78
CA ASN C 30 10.43 -7.67 -30.36
C ASN C 30 11.73 -7.66 -29.56
N SER C 31 11.95 -8.71 -28.78
CA SER C 31 13.22 -8.87 -28.05
C SER C 31 14.27 -9.25 -29.07
N PHE C 32 14.97 -8.25 -29.58
CA PHE C 32 15.85 -8.39 -30.73
C PHE C 32 16.87 -9.50 -30.51
N THR C 33 17.80 -9.27 -29.58
CA THR C 33 18.72 -10.29 -29.13
C THR C 33 19.01 -10.00 -27.66
N ARG C 34 18.20 -10.60 -26.79
CA ARG C 34 18.16 -10.20 -25.40
C ARG C 34 17.90 -11.43 -24.54
N GLY C 35 18.12 -11.27 -23.23
CA GLY C 35 17.90 -12.34 -22.30
C GLY C 35 18.87 -13.49 -22.43
N VAL C 36 20.14 -13.19 -22.67
CA VAL C 36 21.19 -14.20 -22.78
C VAL C 36 22.01 -14.08 -21.50
N TYR C 37 22.14 -15.18 -20.77
CA TYR C 37 22.83 -15.16 -19.50
C TYR C 37 24.10 -16.02 -19.54
N TYR C 38 24.80 -16.06 -18.41
CA TYR C 38 25.92 -16.96 -18.23
C TYR C 38 25.42 -18.31 -17.73
N PRO C 39 25.36 -19.33 -18.57
CA PRO C 39 24.85 -20.62 -18.11
C PRO C 39 25.94 -21.48 -17.51
N ASP C 40 26.79 -20.88 -16.68
CA ASP C 40 27.94 -21.55 -16.07
C ASP C 40 28.55 -20.59 -15.06
N LYS C 41 29.22 -21.17 -14.06
CA LYS C 41 30.04 -20.41 -13.14
C LYS C 41 31.52 -20.77 -13.31
N VAL C 42 31.94 -21.00 -14.55
CA VAL C 42 33.33 -21.25 -14.86
C VAL C 42 33.80 -20.19 -15.86
N PHE C 43 34.87 -19.48 -15.49
CA PHE C 43 35.38 -18.40 -16.31
C PHE C 43 35.95 -18.95 -17.60
N ARG C 44 35.57 -18.35 -18.73
CA ARG C 44 36.08 -18.75 -20.02
C ARG C 44 36.71 -17.57 -20.74
N SER C 45 37.91 -17.79 -21.26
CA SER C 45 38.63 -16.79 -22.03
C SER C 45 38.07 -16.76 -23.45
N SER C 46 38.81 -16.17 -24.38
CA SER C 46 38.28 -15.98 -25.73
C SER C 46 38.03 -17.32 -26.40
N VAL C 47 36.78 -17.77 -26.39
CA VAL C 47 36.39 -19.03 -27.00
C VAL C 47 34.91 -18.98 -27.30
N LEU C 48 34.52 -19.60 -28.40
CA LEU C 48 33.12 -19.68 -28.80
C LEU C 48 32.57 -20.98 -28.22
N HIS C 49 31.74 -20.85 -27.20
CA HIS C 49 31.24 -22.00 -26.46
C HIS C 49 29.79 -22.27 -26.83
N SER C 50 29.45 -23.53 -27.04
CA SER C 50 28.10 -23.93 -27.41
C SER C 50 27.40 -24.52 -26.19
N THR C 51 26.31 -23.90 -25.77
CA THR C 51 25.55 -24.34 -24.61
C THR C 51 24.12 -24.67 -24.99
N GLN C 52 23.57 -25.70 -24.34
CA GLN C 52 22.18 -26.13 -24.56
C GLN C 52 21.45 -25.95 -23.24
N ASP C 53 20.71 -24.86 -23.09
CA ASP C 53 19.97 -24.54 -21.88
C ASP C 53 18.74 -23.75 -22.28
N LEU C 54 17.95 -23.32 -21.30
CA LEU C 54 16.75 -22.55 -21.57
C LEU C 54 17.11 -21.09 -21.86
N PHE C 55 17.00 -20.70 -23.13
CA PHE C 55 17.33 -19.36 -23.56
C PHE C 55 16.09 -18.75 -24.20
N LEU C 56 16.03 -17.42 -24.18
CA LEU C 56 14.95 -16.71 -24.86
C LEU C 56 15.32 -16.62 -26.34
N PRO C 57 14.51 -17.19 -27.23
CA PRO C 57 14.88 -17.19 -28.65
C PRO C 57 15.01 -15.77 -29.20
N PHE C 58 15.95 -15.61 -30.12
CA PHE C 58 16.19 -14.31 -30.71
C PHE C 58 15.01 -13.85 -31.55
N PHE C 59 14.74 -12.56 -31.51
CA PHE C 59 13.69 -11.92 -32.32
C PHE C 59 12.34 -12.58 -32.08
N SER C 60 12.07 -12.91 -30.81
CA SER C 60 10.79 -13.48 -30.41
C SER C 60 9.88 -12.39 -29.88
N ASN C 61 8.59 -12.55 -30.15
CA ASN C 61 7.58 -11.58 -29.74
C ASN C 61 7.36 -11.69 -28.23
N VAL C 62 7.82 -10.70 -27.49
CA VAL C 62 7.60 -10.62 -26.05
C VAL C 62 6.51 -9.59 -25.80
N THR C 63 5.61 -9.89 -24.88
CA THR C 63 4.48 -9.02 -24.63
C THR C 63 4.93 -7.68 -24.05
N TRP C 64 4.19 -6.63 -24.37
CA TRP C 64 4.53 -5.26 -23.99
C TRP C 64 3.45 -4.75 -23.04
N PHE C 65 3.65 -4.94 -21.75
CA PHE C 65 2.72 -4.47 -20.75
C PHE C 65 3.06 -3.04 -20.35
N HIS C 66 2.05 -2.28 -19.96
CA HIS C 66 2.22 -0.93 -19.45
C HIS C 66 1.73 -0.84 -18.01
N ALA C 67 2.51 -0.17 -17.17
CA ALA C 67 2.10 -0.02 -15.78
C ALA C 67 0.89 0.89 -15.62
N LYS C 68 0.64 1.78 -16.57
CA LYS C 68 -0.41 2.79 -16.40
C LYS C 68 -1.81 2.26 -16.65
N ARG C 69 -1.97 1.02 -17.13
CA ARG C 69 -3.26 0.35 -17.13
C ARG C 69 -3.35 -0.68 -16.01
N PHE C 70 -2.34 -0.69 -15.14
CA PHE C 70 -2.22 -1.44 -13.90
C PHE C 70 -1.94 -2.92 -14.13
N ASP C 71 -2.23 -3.43 -15.33
CA ASP C 71 -1.49 -4.53 -15.97
C ASP C 71 -0.79 -5.46 -14.98
N ASN C 72 -1.58 -6.08 -14.11
CA ASN C 72 -1.09 -7.11 -13.19
C ASN C 72 -1.73 -8.45 -13.56
N PRO C 73 -1.51 -8.97 -14.77
CA PRO C 73 -2.19 -10.21 -15.14
C PRO C 73 -1.41 -11.42 -14.66
N VAL C 74 -2.13 -12.46 -14.24
CA VAL C 74 -1.45 -13.69 -13.86
C VAL C 74 -0.97 -14.40 -15.13
N LEU C 75 0.33 -14.39 -15.34
CA LEU C 75 0.92 -14.88 -16.57
C LEU C 75 1.50 -16.27 -16.37
N PRO C 76 1.46 -17.12 -17.39
CA PRO C 76 2.03 -18.46 -17.26
C PRO C 76 3.54 -18.41 -17.10
N PHE C 77 4.07 -19.29 -16.26
CA PHE C 77 5.50 -19.51 -16.11
C PHE C 77 5.80 -20.84 -16.79
N ASN C 78 5.92 -20.80 -18.12
CA ASN C 78 5.99 -22.03 -18.89
C ASN C 78 7.20 -22.86 -18.54
N ASP C 79 8.39 -22.37 -18.85
CA ASP C 79 9.64 -23.05 -18.54
C ASP C 79 10.65 -22.11 -17.92
N GLY C 80 10.28 -20.86 -17.67
CA GLY C 80 11.21 -19.82 -17.31
C GLY C 80 10.85 -18.59 -18.10
N VAL C 81 10.89 -17.42 -17.48
CA VAL C 81 10.47 -16.19 -18.15
C VAL C 81 11.64 -15.22 -18.21
N TYR C 82 11.60 -14.37 -19.22
CA TYR C 82 12.50 -13.24 -19.33
C TYR C 82 11.71 -11.97 -19.04
N PHE C 83 12.12 -11.25 -18.01
CA PHE C 83 11.39 -10.07 -17.55
C PHE C 83 12.29 -8.85 -17.74
N ALA C 84 11.80 -7.86 -18.47
CA ALA C 84 12.52 -6.62 -18.70
C ALA C 84 11.57 -5.45 -18.58
N SER C 85 12.02 -4.42 -17.87
CA SER C 85 11.18 -3.26 -17.59
C SER C 85 11.98 -1.99 -17.83
N THR C 86 11.41 -1.07 -18.61
CA THR C 86 12.08 0.21 -18.86
C THR C 86 12.20 1.03 -17.58
N GLU C 87 11.06 1.41 -17.00
CA GLU C 87 10.99 1.78 -15.59
C GLU C 87 11.94 2.95 -15.27
N LYS C 88 11.61 4.12 -15.83
CA LYS C 88 12.40 5.30 -15.51
C LYS C 88 12.42 5.62 -14.02
N SER C 89 11.34 5.31 -13.30
CA SER C 89 11.30 5.41 -11.85
C SER C 89 10.89 4.05 -11.27
N ASN C 90 11.37 3.76 -10.07
CA ASN C 90 11.31 2.41 -9.53
C ASN C 90 9.88 2.02 -9.16
N ILE C 91 9.16 1.43 -10.11
CA ILE C 91 7.75 1.07 -9.89
C ILE C 91 7.53 -0.43 -10.00
N ILE C 92 8.31 -1.11 -10.85
CA ILE C 92 8.24 -2.56 -10.90
C ILE C 92 8.99 -3.11 -9.70
N ARG C 93 8.26 -3.68 -8.75
CA ARG C 93 8.84 -3.95 -7.45
C ARG C 93 9.11 -5.42 -7.16
N GLY C 94 8.44 -6.35 -7.82
CA GLY C 94 8.68 -7.75 -7.52
C GLY C 94 7.67 -8.66 -8.18
N TRP C 95 7.66 -9.89 -7.69
CA TRP C 95 6.96 -10.96 -8.39
C TRP C 95 6.35 -11.89 -7.35
N ILE C 96 5.35 -12.66 -7.77
CA ILE C 96 4.67 -13.56 -6.83
C ILE C 96 4.61 -15.02 -7.29
N PHE C 97 5.67 -15.50 -7.95
CA PHE C 97 5.70 -16.85 -8.53
C PHE C 97 5.00 -17.88 -7.67
N GLY C 98 4.18 -18.70 -8.30
CA GLY C 98 3.48 -19.76 -7.59
C GLY C 98 2.76 -20.67 -8.57
N THR C 99 2.12 -21.70 -8.01
CA THR C 99 1.38 -22.65 -8.83
C THR C 99 -0.12 -22.32 -8.86
N THR C 100 -0.68 -21.94 -7.71
CA THR C 100 -2.08 -21.54 -7.65
C THR C 100 -2.24 -20.09 -7.21
N LEU C 101 -1.21 -19.51 -6.59
CA LEU C 101 -1.27 -18.18 -6.02
C LEU C 101 -2.43 -18.09 -5.02
N ASP C 102 -2.53 -19.11 -4.18
CA ASP C 102 -3.59 -19.20 -3.19
C ASP C 102 -3.06 -20.00 -2.01
N SER C 103 -3.92 -20.21 -1.02
CA SER C 103 -3.56 -21.12 0.06
C SER C 103 -3.63 -22.55 -0.45
N LYS C 104 -3.16 -23.48 0.40
CA LYS C 104 -3.09 -24.91 0.08
C LYS C 104 -2.00 -25.18 -0.95
N THR C 105 -1.33 -24.13 -1.41
CA THR C 105 -0.23 -24.24 -2.36
C THR C 105 0.86 -23.27 -1.97
N GLN C 106 2.08 -23.78 -1.82
CA GLN C 106 3.19 -22.96 -1.39
C GLN C 106 3.67 -22.07 -2.53
N SER C 107 3.89 -20.79 -2.23
CA SER C 107 4.17 -19.78 -3.24
C SER C 107 5.39 -18.96 -2.84
N LEU C 108 5.94 -18.25 -3.82
CA LEU C 108 7.17 -17.48 -3.66
C LEU C 108 6.89 -16.00 -3.86
N LEU C 109 7.60 -15.15 -3.12
CA LEU C 109 7.42 -13.70 -3.21
C LEU C 109 8.78 -13.03 -3.15
N ILE C 110 9.10 -12.27 -4.19
CA ILE C 110 10.33 -11.48 -4.27
C ILE C 110 9.94 -10.02 -4.40
N VAL C 111 10.25 -9.20 -3.40
CA VAL C 111 10.02 -7.76 -3.46
C VAL C 111 11.19 -7.07 -2.79
N ASN C 112 11.47 -5.84 -3.24
CA ASN C 112 12.53 -5.02 -2.67
C ASN C 112 12.01 -3.64 -2.32
N ASN C 113 12.30 -3.17 -1.11
CA ASN C 113 11.63 -1.97 -0.62
C ASN C 113 12.31 -0.70 -1.10
N ALA C 114 13.47 -0.38 -0.54
CA ALA C 114 14.26 0.75 -1.03
C ALA C 114 15.75 0.42 -0.97
N THR C 115 16.12 -0.48 -0.05
CA THR C 115 17.51 -0.76 0.22
C THR C 115 17.79 -2.25 0.41
N ASN C 116 16.79 -3.11 0.24
CA ASN C 116 16.98 -4.54 0.42
C ASN C 116 15.82 -5.29 -0.21
N VAL C 117 16.09 -6.51 -0.67
CA VAL C 117 15.10 -7.39 -1.26
C VAL C 117 14.78 -8.49 -0.26
N VAL C 118 13.50 -8.77 -0.09
CA VAL C 118 13.04 -9.85 0.78
C VAL C 118 12.42 -10.93 -0.08
N ILE C 119 12.92 -12.15 0.05
CA ILE C 119 12.45 -13.30 -0.69
C ILE C 119 11.85 -14.28 0.30
N LYS C 120 10.59 -14.64 0.09
CA LYS C 120 9.89 -15.51 1.03
C LYS C 120 9.11 -16.54 0.23
N VAL C 121 9.06 -17.75 0.76
CA VAL C 121 8.33 -18.85 0.14
C VAL C 121 7.29 -19.31 1.16
N CYS C 122 6.08 -18.79 1.06
CA CYS C 122 5.06 -19.09 2.05
C CYS C 122 3.77 -19.55 1.40
N GLU C 123 2.83 -19.95 2.25
CA GLU C 123 1.49 -20.36 1.82
C GLU C 123 0.63 -19.11 1.68
N PHE C 124 1.02 -18.28 0.73
CA PHE C 124 0.44 -16.95 0.58
C PHE C 124 -1.01 -17.03 0.12
N GLN C 125 -1.77 -16.00 0.45
CA GLN C 125 -3.16 -15.87 0.07
C GLN C 125 -3.30 -14.63 -0.80
N PHE C 126 -2.46 -14.56 -1.83
CA PHE C 126 -2.29 -13.38 -2.66
C PHE C 126 -3.61 -12.72 -3.02
N CYS C 127 -3.62 -11.40 -3.00
CA CYS C 127 -4.79 -10.63 -3.39
C CYS C 127 -5.03 -10.77 -4.89
N ASN C 128 -6.24 -10.41 -5.32
CA ASN C 128 -6.58 -10.51 -6.73
C ASN C 128 -5.77 -9.51 -7.56
N ASP C 129 -5.53 -8.32 -7.04
CA ASP C 129 -4.72 -7.29 -7.70
C ASP C 129 -3.60 -6.89 -6.74
N PRO C 130 -2.52 -7.67 -6.69
CA PRO C 130 -1.46 -7.39 -5.73
C PRO C 130 -0.53 -6.29 -6.22
N PHE C 131 -0.16 -5.39 -5.32
CA PHE C 131 0.72 -4.29 -5.64
C PHE C 131 1.23 -3.69 -4.35
N LEU C 132 1.90 -2.54 -4.44
CA LEU C 132 2.41 -1.81 -3.30
C LEU C 132 1.99 -0.36 -3.40
N GLY C 133 1.50 0.20 -2.29
CA GLY C 133 1.29 1.62 -2.23
C GLY C 133 2.54 2.34 -1.76
N VAL C 134 2.85 3.45 -2.42
CA VAL C 134 4.10 4.18 -2.19
C VAL C 134 3.77 5.62 -1.83
N TYR C 135 4.36 6.10 -0.73
CA TYR C 135 4.14 7.46 -0.26
C TYR C 135 5.49 8.07 0.12
N TYR C 136 5.61 9.37 -0.09
CA TYR C 136 6.81 10.11 0.28
C TYR C 136 6.47 11.04 1.43
N HIS C 137 6.96 10.73 2.62
CA HIS C 137 6.67 11.55 3.78
C HIS C 137 7.31 12.93 3.62
N LYS C 138 6.64 13.95 4.14
CA LYS C 138 7.11 15.32 3.96
C LYS C 138 8.36 15.61 4.76
N ASN C 139 8.69 14.80 5.77
CA ASN C 139 9.90 15.04 6.53
C ASN C 139 11.15 14.72 5.70
N ASN C 140 11.05 13.74 4.81
CA ASN C 140 12.21 13.41 3.93
C ASN C 140 11.66 12.95 2.60
N LYS C 141 11.68 13.79 1.57
CA LYS C 141 11.03 13.43 0.29
C LYS C 141 11.85 12.43 -0.51
N SER C 142 12.55 11.51 0.16
CA SER C 142 13.28 10.40 -0.50
C SER C 142 13.07 9.13 0.34
N TRP C 143 12.03 9.10 1.19
CA TRP C 143 11.74 7.97 2.11
C TRP C 143 11.03 6.85 1.37
N MET C 144 9.99 7.15 0.61
CA MET C 144 9.29 6.14 -0.19
C MET C 144 8.83 4.98 0.69
N GLU C 145 7.90 5.30 1.60
CA GLU C 145 7.36 4.32 2.54
C GLU C 145 6.39 3.42 1.80
N SER C 146 6.72 2.14 1.69
CA SER C 146 5.96 1.19 0.90
C SER C 146 4.99 0.40 1.77
N GLU C 147 3.74 0.32 1.35
CA GLU C 147 2.73 -0.48 2.03
C GLU C 147 2.39 -1.68 1.17
N PHE C 148 2.26 -2.84 1.82
CA PHE C 148 2.11 -4.10 1.11
C PHE C 148 0.64 -4.43 0.89
N ARG C 149 0.22 -4.42 -0.37
CA ARG C 149 -1.11 -4.86 -0.77
C ARG C 149 -1.00 -6.11 -1.61
N VAL C 150 -0.10 -7.00 -1.20
CA VAL C 150 0.19 -8.20 -1.98
C VAL C 150 -0.67 -9.37 -1.53
N TYR C 151 -0.60 -9.71 -0.24
CA TYR C 151 -1.28 -10.87 0.29
C TYR C 151 -2.10 -10.48 1.51
N SER C 152 -3.14 -11.28 1.78
CA SER C 152 -3.95 -11.10 2.97
C SER C 152 -3.46 -11.93 4.15
N SER C 153 -2.89 -13.10 3.90
CA SER C 153 -2.39 -13.96 4.95
C SER C 153 -1.11 -14.64 4.49
N ALA C 154 -0.14 -14.72 5.39
CA ALA C 154 1.15 -15.36 5.10
C ALA C 154 1.54 -16.16 6.34
N ASN C 155 1.49 -17.48 6.23
CA ASN C 155 1.74 -18.33 7.38
C ASN C 155 2.20 -19.70 6.92
N ASN C 156 2.76 -20.46 7.87
CA ASN C 156 3.13 -21.86 7.66
C ASN C 156 4.14 -21.99 6.52
N CYS C 157 5.32 -21.42 6.73
CA CYS C 157 6.35 -21.41 5.70
C CYS C 157 7.74 -21.49 6.27
N THR C 158 8.70 -21.62 5.34
CA THR C 158 10.05 -22.07 5.65
C THR C 158 11.16 -21.12 5.23
N PHE C 159 11.11 -20.56 4.03
CA PHE C 159 12.26 -19.87 3.44
C PHE C 159 12.13 -18.37 3.67
N GLU C 160 13.28 -17.71 3.81
CA GLU C 160 13.33 -16.25 3.97
C GLU C 160 14.75 -15.79 3.65
N TYR C 161 14.88 -14.89 2.69
CA TYR C 161 16.18 -14.41 2.26
C TYR C 161 16.13 -12.90 2.09
N VAL C 162 17.14 -12.22 2.63
CA VAL C 162 17.23 -10.76 2.57
C VAL C 162 18.64 -10.39 2.15
N SER C 163 18.75 -9.53 1.13
CA SER C 163 20.04 -9.03 0.67
C SER C 163 19.83 -7.65 0.06
N GLN C 164 20.84 -7.15 -0.65
CA GLN C 164 20.75 -5.88 -1.33
C GLN C 164 19.71 -5.93 -2.45
N PRO C 165 19.07 -4.79 -2.76
CA PRO C 165 17.97 -4.82 -3.73
C PRO C 165 18.41 -5.29 -5.10
N PHE C 166 17.51 -6.01 -5.77
CA PHE C 166 17.81 -6.49 -7.13
C PHE C 166 17.95 -5.33 -8.09
N LEU C 167 17.05 -4.37 -8.02
CA LEU C 167 17.00 -3.27 -8.99
C LEU C 167 18.10 -2.25 -8.71
N LYS C 178 16.70 5.75 -18.74
CA LYS C 178 15.47 5.25 -18.12
C LYS C 178 15.72 3.99 -17.31
N ASN C 179 16.95 3.50 -17.33
CA ASN C 179 17.37 2.36 -16.51
C ASN C 179 16.56 1.11 -16.83
N LEU C 180 16.80 0.59 -18.04
CA LEU C 180 16.32 -0.74 -18.39
C LEU C 180 16.86 -1.77 -17.39
N ARG C 181 15.99 -2.67 -16.96
CA ARG C 181 16.37 -3.73 -16.03
C ARG C 181 15.80 -5.05 -16.53
N GLU C 182 16.68 -6.02 -16.72
CA GLU C 182 16.32 -7.30 -17.34
C GLU C 182 16.51 -8.41 -16.32
N PHE C 183 15.63 -9.40 -16.36
CA PHE C 183 15.69 -10.53 -15.44
C PHE C 183 15.37 -11.81 -16.19
N VAL C 184 15.89 -12.91 -15.65
CA VAL C 184 15.58 -14.25 -16.15
C VAL C 184 15.36 -15.14 -14.94
N PHE C 185 14.13 -15.60 -14.75
CA PHE C 185 13.79 -16.53 -13.70
C PHE C 185 13.52 -17.89 -14.30
N LYS C 186 14.31 -18.89 -13.90
CA LYS C 186 14.04 -20.25 -14.32
C LYS C 186 14.10 -21.17 -13.12
N ASN C 187 13.17 -22.11 -13.07
CA ASN C 187 12.98 -23.02 -11.95
C ASN C 187 13.30 -24.44 -12.41
N ILE C 188 14.51 -24.89 -12.10
CA ILE C 188 14.98 -26.21 -12.49
C ILE C 188 15.41 -26.98 -11.25
N ASP C 189 15.07 -28.27 -11.20
CA ASP C 189 15.52 -29.24 -10.20
C ASP C 189 15.60 -28.71 -8.77
N GLY C 190 14.63 -27.90 -8.38
CA GLY C 190 14.55 -27.41 -7.02
C GLY C 190 15.28 -26.11 -6.74
N TYR C 191 16.08 -25.61 -7.67
CA TYR C 191 16.71 -24.31 -7.55
C TYR C 191 15.99 -23.28 -8.40
N PHE C 192 15.69 -22.14 -7.80
CA PHE C 192 15.17 -20.98 -8.50
C PHE C 192 16.34 -20.06 -8.79
N LYS C 193 16.60 -19.82 -10.07
CA LYS C 193 17.78 -19.09 -10.51
C LYS C 193 17.35 -17.74 -11.06
N ILE C 194 18.05 -16.68 -10.64
CA ILE C 194 17.72 -15.32 -11.03
C ILE C 194 18.96 -14.69 -11.65
N TYR C 195 18.77 -14.06 -12.81
CA TYR C 195 19.82 -13.34 -13.51
C TYR C 195 19.35 -11.91 -13.73
N SER C 196 20.29 -10.97 -13.80
CA SER C 196 19.91 -9.58 -14.02
C SER C 196 21.05 -8.81 -14.67
N LYS C 197 20.68 -7.71 -15.33
CA LYS C 197 21.66 -6.77 -15.88
C LYS C 197 20.97 -5.43 -16.02
N HIS C 198 21.19 -4.54 -15.07
CA HIS C 198 20.54 -3.23 -15.05
C HIS C 198 21.40 -2.24 -15.81
N THR C 199 20.89 -1.74 -16.94
CA THR C 199 21.64 -0.89 -17.84
C THR C 199 20.86 0.37 -18.19
N PRO C 200 21.53 1.50 -18.38
CA PRO C 200 20.81 2.72 -18.75
C PRO C 200 20.34 2.64 -20.20
N ILE C 201 19.14 3.17 -20.45
CA ILE C 201 18.51 3.14 -21.76
C ILE C 201 18.01 4.55 -22.11
N ASN C 202 18.28 4.97 -23.33
CA ASN C 202 17.75 6.22 -23.85
C ASN C 202 16.71 6.02 -24.94
N LEU C 203 16.51 4.79 -25.41
CA LEU C 203 15.59 4.53 -26.50
C LEU C 203 14.16 4.82 -26.06
N VAL C 204 13.33 5.24 -27.01
CA VAL C 204 12.05 5.85 -26.68
C VAL C 204 11.09 4.83 -26.08
N ARG C 205 10.91 3.68 -26.74
CA ARG C 205 9.80 2.84 -26.27
C ARG C 205 10.17 1.38 -26.05
N ASP C 206 10.98 0.79 -26.90
CA ASP C 206 11.11 -0.66 -26.98
C ASP C 206 12.48 -1.12 -26.50
N LEU C 207 12.76 -2.40 -26.67
CA LEU C 207 14.01 -2.96 -26.19
C LEU C 207 15.16 -2.38 -27.00
N PRO C 208 16.34 -2.26 -26.42
CA PRO C 208 17.51 -1.86 -27.22
C PRO C 208 18.01 -3.00 -28.09
N GLN C 209 18.80 -2.67 -29.12
CA GLN C 209 19.34 -3.67 -30.03
C GLN C 209 20.67 -4.25 -29.57
N GLY C 210 21.45 -3.51 -28.80
CA GLY C 210 22.75 -3.98 -28.36
C GLY C 210 22.70 -5.24 -27.54
N PHE C 211 23.76 -6.04 -27.62
CA PHE C 211 23.81 -7.28 -26.84
C PHE C 211 24.34 -7.01 -25.45
N SER C 212 23.69 -7.60 -24.45
CA SER C 212 24.14 -7.54 -23.07
C SER C 212 23.78 -8.83 -22.39
N ALA C 213 24.74 -9.39 -21.64
CA ALA C 213 24.61 -10.71 -21.04
C ALA C 213 24.23 -10.58 -19.58
N LEU C 214 23.10 -11.17 -19.22
CA LEU C 214 22.67 -11.19 -17.82
C LEU C 214 23.58 -12.10 -17.01
N GLU C 215 23.80 -11.74 -15.75
CA GLU C 215 24.64 -12.55 -14.90
C GLU C 215 23.91 -12.84 -13.59
N PRO C 216 24.17 -14.00 -12.98
CA PRO C 216 23.32 -14.46 -11.87
C PRO C 216 23.34 -13.51 -10.68
N LEU C 217 22.17 -13.37 -10.06
CA LEU C 217 22.03 -12.69 -8.78
C LEU C 217 22.15 -13.66 -7.62
N VAL C 218 21.23 -14.63 -7.57
CA VAL C 218 21.17 -15.60 -6.49
C VAL C 218 20.81 -16.96 -7.08
N ASP C 219 20.87 -17.98 -6.24
CA ASP C 219 20.45 -19.34 -6.60
C ASP C 219 19.78 -19.87 -5.34
N LEU C 220 18.45 -19.73 -5.28
CA LEU C 220 17.72 -20.03 -4.07
C LEU C 220 17.33 -21.50 -4.04
N PRO C 221 17.60 -22.21 -2.95
CA PRO C 221 17.12 -23.59 -2.83
C PRO C 221 15.63 -23.64 -2.49
N ILE C 222 14.78 -23.34 -3.47
CA ILE C 222 13.35 -23.19 -3.19
C ILE C 222 12.66 -24.55 -3.19
N GLY C 223 12.74 -25.27 -4.32
CA GLY C 223 12.09 -26.56 -4.41
C GLY C 223 10.59 -26.56 -4.36
N ILE C 224 9.94 -25.65 -5.09
CA ILE C 224 8.48 -25.61 -5.16
C ILE C 224 8.04 -25.78 -6.61
N ASN C 225 6.72 -25.84 -6.80
CA ASN C 225 6.14 -25.94 -8.14
C ASN C 225 5.66 -24.56 -8.57
N ILE C 226 6.19 -24.08 -9.70
CA ILE C 226 5.83 -22.78 -10.25
C ILE C 226 5.24 -22.99 -11.63
N THR C 227 4.02 -22.50 -11.83
CA THR C 227 3.38 -22.53 -13.14
C THR C 227 2.85 -21.19 -13.60
N ARG C 228 2.57 -20.26 -12.68
CA ARG C 228 2.10 -18.93 -13.04
C ARG C 228 2.84 -17.91 -12.21
N PHE C 229 2.87 -16.67 -12.70
CA PHE C 229 3.52 -15.61 -11.96
C PHE C 229 2.84 -14.29 -12.27
N GLN C 230 3.02 -13.33 -11.38
CA GLN C 230 2.37 -12.03 -11.49
C GLN C 230 3.30 -10.98 -10.91
N THR C 231 3.36 -9.83 -11.56
CA THR C 231 4.26 -8.76 -11.14
C THR C 231 3.56 -7.82 -10.16
N LEU C 232 4.37 -7.08 -9.41
CA LEU C 232 3.88 -6.18 -8.36
C LEU C 232 4.27 -4.76 -8.71
N LEU C 233 3.28 -3.88 -8.84
CA LEU C 233 3.51 -2.49 -9.18
C LEU C 233 3.57 -1.65 -7.92
N ALA C 234 4.08 -0.43 -8.06
CA ALA C 234 4.14 0.53 -6.96
C ALA C 234 3.28 1.72 -7.33
N LEU C 235 2.06 1.76 -6.80
CA LEU C 235 1.07 2.75 -7.18
C LEU C 235 0.95 3.84 -6.13
N HIS C 236 0.88 5.09 -6.58
CA HIS C 236 0.63 6.22 -5.70
C HIS C 236 -0.87 6.43 -5.53
N ARG C 237 -1.26 6.84 -4.33
CA ARG C 237 -2.64 7.20 -4.04
C ARG C 237 -2.80 8.68 -4.31
N SER C 238 -3.21 9.03 -5.53
CA SER C 238 -3.33 10.42 -5.95
C SER C 238 -4.46 11.16 -5.24
N TYR C 239 -5.63 10.55 -5.12
CA TYR C 239 -6.74 11.19 -4.42
C TYR C 239 -7.53 10.13 -3.67
N LEU C 240 -8.47 10.59 -2.86
CA LEU C 240 -9.17 9.72 -1.89
C LEU C 240 -10.65 9.98 -1.97
N THR C 241 -11.39 9.13 -2.70
CA THR C 241 -12.81 9.22 -2.41
C THR C 241 -13.11 8.52 -1.10
N PRO C 242 -14.15 8.93 -0.36
CA PRO C 242 -14.30 8.45 1.02
C PRO C 242 -14.37 6.94 1.15
N GLY C 243 -15.39 6.28 0.61
CA GLY C 243 -15.28 4.84 0.56
C GLY C 243 -15.20 4.30 -0.86
N ASP C 244 -13.99 4.06 -1.36
CA ASP C 244 -13.86 3.26 -2.56
C ASP C 244 -12.72 2.26 -2.41
N SER C 245 -11.62 2.71 -1.81
CA SER C 245 -10.36 1.98 -1.70
C SER C 245 -9.71 1.76 -3.06
N SER C 246 -10.42 2.11 -4.13
CA SER C 246 -9.96 1.91 -5.50
C SER C 246 -10.07 3.22 -6.27
N SER C 247 -9.75 4.33 -5.61
CA SER C 247 -10.08 5.65 -6.11
C SER C 247 -8.96 6.25 -6.96
N GLY C 248 -7.78 6.44 -6.38
CA GLY C 248 -6.76 7.23 -7.04
C GLY C 248 -5.41 6.56 -7.15
N TRP C 249 -5.40 5.26 -7.43
CA TRP C 249 -4.15 4.51 -7.53
C TRP C 249 -3.51 4.74 -8.88
N THR C 250 -2.93 5.94 -9.05
CA THR C 250 -2.16 6.21 -10.26
C THR C 250 -0.88 5.37 -10.24
N ALA C 251 -0.41 5.03 -11.44
CA ALA C 251 0.64 4.02 -11.59
C ALA C 251 1.87 4.53 -12.31
N GLY C 252 2.33 5.74 -11.98
CA GLY C 252 3.57 6.24 -12.55
C GLY C 252 3.57 6.18 -14.06
N ALA C 253 4.68 5.73 -14.62
CA ALA C 253 4.80 5.53 -16.06
C ALA C 253 5.96 4.59 -16.32
N ALA C 254 5.65 3.37 -16.75
CA ALA C 254 6.67 2.38 -17.03
C ALA C 254 6.05 1.28 -17.89
N ALA C 255 6.89 0.37 -18.37
CA ALA C 255 6.44 -0.74 -19.19
C ALA C 255 7.36 -1.91 -18.92
N TYR C 256 6.78 -3.11 -18.81
CA TYR C 256 7.57 -4.31 -18.58
C TYR C 256 7.24 -5.36 -19.64
N TYR C 257 8.22 -6.22 -19.88
CA TYR C 257 8.30 -7.05 -21.07
C TYR C 257 8.51 -8.50 -20.65
N VAL C 258 7.54 -9.36 -20.94
CA VAL C 258 7.57 -10.74 -20.48
C VAL C 258 7.73 -11.66 -21.68
N GLY C 259 8.88 -12.33 -21.76
CA GLY C 259 9.10 -13.38 -22.73
C GLY C 259 9.24 -14.72 -22.04
N TYR C 260 9.35 -15.77 -22.84
CA TYR C 260 9.38 -17.13 -22.33
C TYR C 260 10.65 -17.84 -22.80
N LEU C 261 11.29 -18.55 -21.88
CA LEU C 261 12.48 -19.32 -22.21
C LEU C 261 12.10 -20.63 -22.88
N GLN C 262 12.90 -21.05 -23.84
CA GLN C 262 12.73 -22.31 -24.51
C GLN C 262 14.08 -23.04 -24.60
N PRO C 263 14.07 -24.36 -24.64
CA PRO C 263 15.35 -25.09 -24.73
C PRO C 263 15.99 -24.95 -26.11
N ARG C 264 17.05 -24.15 -26.19
CA ARG C 264 17.75 -23.95 -27.45
C ARG C 264 19.25 -24.08 -27.23
N THR C 265 19.99 -24.11 -28.33
CA THR C 265 21.43 -24.28 -28.33
C THR C 265 22.08 -23.04 -28.89
N PHE C 266 22.66 -22.22 -28.02
CA PHE C 266 23.39 -21.04 -28.45
C PHE C 266 24.85 -21.37 -28.64
N LEU C 267 25.52 -20.55 -29.44
CA LEU C 267 26.97 -20.58 -29.57
C LEU C 267 27.42 -19.26 -28.97
N LEU C 268 28.01 -19.33 -27.79
CA LEU C 268 28.12 -18.20 -26.89
C LEU C 268 29.57 -17.72 -26.89
N LYS C 269 29.81 -16.53 -27.46
CA LYS C 269 31.16 -16.04 -27.62
C LYS C 269 31.61 -15.26 -26.39
N TYR C 270 32.76 -15.64 -25.85
CA TYR C 270 33.32 -14.98 -24.68
C TYR C 270 34.46 -14.05 -25.08
N ASN C 271 34.52 -12.90 -24.42
CA ASN C 271 35.53 -11.90 -24.71
C ASN C 271 36.90 -12.38 -24.21
N GLU C 272 37.90 -11.51 -24.34
CA GLU C 272 39.19 -11.80 -23.70
C GLU C 272 39.07 -11.67 -22.19
N ASN C 273 38.16 -10.83 -21.71
CA ASN C 273 37.97 -10.62 -20.29
C ASN C 273 36.95 -11.59 -19.69
N GLY C 274 36.47 -12.56 -20.45
CA GLY C 274 35.51 -13.51 -19.95
C GLY C 274 34.05 -13.12 -20.11
N THR C 275 33.76 -12.00 -20.77
CA THR C 275 32.39 -11.51 -20.92
C THR C 275 31.81 -11.98 -22.24
N ILE C 276 30.50 -12.19 -22.25
CA ILE C 276 29.78 -12.65 -23.44
C ILE C 276 29.43 -11.42 -24.28
N THR C 277 30.09 -11.27 -25.42
CA THR C 277 29.87 -10.08 -26.24
C THR C 277 28.95 -10.33 -27.42
N ASP C 278 28.70 -11.58 -27.80
CA ASP C 278 27.80 -11.87 -28.91
C ASP C 278 27.40 -13.34 -28.83
N ALA C 279 26.34 -13.68 -29.55
CA ALA C 279 25.84 -15.05 -29.55
C ALA C 279 24.96 -15.27 -30.77
N VAL C 280 24.78 -16.55 -31.13
CA VAL C 280 23.87 -16.95 -32.20
C VAL C 280 22.93 -18.00 -31.65
N ASP C 281 21.82 -18.21 -32.36
CA ASP C 281 20.78 -19.11 -31.88
C ASP C 281 20.84 -20.46 -32.59
#